data_2FQ1
#
_entry.id   2FQ1
#
_cell.length_a   50.889
_cell.length_b   82.331
_cell.length_c   164.730
_cell.angle_alpha   90.00
_cell.angle_beta   90.00
_cell.angle_gamma   90.00
#
_symmetry.space_group_name_H-M   'P 21 21 21'
#
loop_
_entity.id
_entity.type
_entity.pdbx_description
1 polymer Isochorismatase
2 non-polymer 'MAGNESIUM ION'
3 non-polymer 'CHLORIDE ION'
4 non-polymer 1,2-ETHANEDIOL
5 water water
#
_entity_poly.entity_id   1
_entity_poly.type   'polypeptide(L)'
_entity_poly.pdbx_seq_one_letter_code
;GHMAIPKLQAYALPESHDIPQNKVDWAFEPQRAALLIHDMQDYFVSFWGENCPMMEQVIANIAALRDYCKQHNIPVYYTA
QPKEQSDEDRALLNDMWGPGLTRSPEQQKVVDRLTPDADDTVLVKWRYSAFHRSPLEQMLKESGRNQLIITGVYAHIGCM
TTATDAFMRDIKPFMVADALADFSRDEHLMSLKYVAGRSGRVVMTEELLPAPIPASKAALREVILPLLDESDEPFDDDNL
IDYGLDSVRMMALAARWRKVHGDIDFVMLAKNPTIDAWWKLLSREVK
;
_entity_poly.pdbx_strand_id   A,B
#
loop_
_chem_comp.id
_chem_comp.type
_chem_comp.name
_chem_comp.formula
CL non-polymer 'CHLORIDE ION' 'Cl -1'
EDO non-polymer 1,2-ETHANEDIOL 'C2 H6 O2'
MG non-polymer 'MAGNESIUM ION' 'Mg 2'
#
# COMPACT_ATOMS: atom_id res chain seq x y z
N LYS A 7 -1.20 -19.93 12.04
CA LYS A 7 0.05 -19.58 12.78
C LYS A 7 0.98 -18.68 11.96
N LEU A 8 1.66 -17.76 12.65
CA LEU A 8 2.72 -16.94 12.08
C LEU A 8 4.04 -17.34 12.73
N GLN A 9 5.12 -17.30 11.94
CA GLN A 9 6.45 -17.65 12.43
C GLN A 9 7.28 -16.40 12.71
N ALA A 10 7.97 -16.40 13.84
CA ALA A 10 8.86 -15.30 14.21
C ALA A 10 10.08 -15.21 13.29
N TYR A 11 10.59 -13.99 13.13
CA TYR A 11 11.73 -13.67 12.28
C TYR A 11 12.66 -12.65 12.97
N ALA A 12 13.82 -12.38 12.38
CA ALA A 12 14.74 -11.38 12.92
C ALA A 12 14.18 -9.98 12.63
N LEU A 13 13.93 -9.21 13.69
CA LEU A 13 13.50 -7.81 13.54
C LEU A 13 14.57 -6.96 12.84
N PRO A 14 14.14 -5.93 12.08
CA PRO A 14 15.07 -5.06 11.37
C PRO A 14 16.02 -4.28 12.28
N GLU A 15 17.23 -4.05 11.81
CA GLU A 15 18.23 -3.24 12.51
C GLU A 15 18.53 -1.97 11.74
N SER A 16 19.28 -1.06 12.34
CA SER A 16 19.56 0.26 11.73
C SER A 16 19.89 0.15 10.22
N HIS A 17 20.76 -0.80 9.87
CA HIS A 17 21.21 -0.98 8.47
C HIS A 17 20.11 -1.49 7.52
N ASP A 18 19.02 -2.01 8.09
CA ASP A 18 17.87 -2.52 7.31
C ASP A 18 16.88 -1.43 6.95
N ILE A 19 17.02 -0.25 7.58
CA ILE A 19 16.23 0.92 7.21
C ILE A 19 16.87 1.59 5.99
N PRO A 20 16.11 1.68 4.88
CA PRO A 20 16.65 2.33 3.70
C PRO A 20 16.67 3.83 3.95
N GLN A 21 17.57 4.54 3.27
CA GLN A 21 17.66 5.98 3.43
C GLN A 21 16.31 6.65 3.14
N ASN A 22 15.88 7.49 4.09
CA ASN A 22 14.60 8.19 3.99
C ASN A 22 14.72 9.34 2.99
N LYS A 23 13.69 9.56 2.17
CA LYS A 23 13.62 10.73 1.30
C LYS A 23 13.59 12.04 2.10
N VAL A 24 12.71 12.07 3.11
CA VAL A 24 12.61 13.22 4.02
C VAL A 24 13.53 13.16 5.24
N ASP A 25 13.63 14.30 5.92
CA ASP A 25 14.64 14.57 6.95
C ASP A 25 14.04 14.93 8.30
N TRP A 26 12.71 14.94 8.37
CA TRP A 26 12.03 15.54 9.52
C TRP A 26 12.66 15.13 10.83
N ALA A 27 13.06 16.12 11.62
CA ALA A 27 13.55 15.86 12.96
C ALA A 27 12.34 15.59 13.85
N PHE A 28 12.48 14.63 14.76
CA PHE A 28 11.43 14.35 15.73
C PHE A 28 11.21 15.53 16.69
N GLU A 29 9.98 16.04 16.75
CA GLU A 29 9.60 17.10 17.68
C GLU A 29 8.58 16.61 18.69
N PRO A 30 9.04 16.24 19.91
CA PRO A 30 8.22 15.78 21.03
C PRO A 30 6.95 16.59 21.26
N GLN A 31 7.08 17.91 21.13
CA GLN A 31 5.99 18.85 21.40
C GLN A 31 4.95 18.84 20.28
N ARG A 32 5.34 18.33 19.12
CA ARG A 32 4.45 18.21 17.96
C ARG A 32 3.98 16.77 17.71
N ALA A 33 4.39 15.82 18.56
CA ALA A 33 4.14 14.40 18.26
C ALA A 33 3.05 13.74 19.09
N ALA A 34 2.53 12.64 18.55
CA ALA A 34 1.66 11.74 19.29
C ALA A 34 2.12 10.30 19.00
N LEU A 35 1.78 9.37 19.87
CA LEU A 35 2.09 7.94 19.67
C LEU A 35 0.84 7.14 19.32
N LEU A 36 0.95 6.33 18.26
CA LEU A 36 -0.08 5.35 17.90
C LEU A 36 0.37 3.93 18.19
N ILE A 37 -0.44 3.19 18.94
CA ILE A 37 -0.22 1.77 19.22
C ILE A 37 -1.32 1.03 18.46
N HIS A 38 -0.97 0.52 17.29
CA HIS A 38 -1.91 0.05 16.31
C HIS A 38 -2.32 -1.44 16.52
N ASP A 39 -3.59 -1.66 16.89
CA ASP A 39 -4.25 -2.99 16.89
C ASP A 39 -3.47 -4.07 17.64
N MET A 40 -2.88 -3.69 18.77
CA MET A 40 -2.18 -4.64 19.61
C MET A 40 -3.15 -5.36 20.54
N GLN A 41 -4.16 -6.00 19.96
CA GLN A 41 -5.11 -6.81 20.71
C GLN A 41 -4.65 -8.26 20.74
N ASP A 42 -5.20 -9.02 21.69
CA ASP A 42 -4.88 -10.44 21.87
C ASP A 42 -5.10 -11.29 20.63
N TYR A 43 -6.20 -11.05 19.92
CA TYR A 43 -6.54 -11.85 18.76
C TYR A 43 -5.43 -11.77 17.69
N PHE A 44 -4.76 -10.62 17.63
CA PHE A 44 -3.74 -10.35 16.63
C PHE A 44 -2.33 -10.81 16.99
N VAL A 45 -1.92 -10.65 18.25
CA VAL A 45 -0.61 -11.13 18.70
C VAL A 45 -0.61 -12.64 18.98
N SER A 46 -1.79 -13.21 19.17
CA SER A 46 -1.96 -14.65 19.40
C SER A 46 -1.74 -15.49 18.14
N PHE A 47 -1.45 -14.84 17.02
CA PHE A 47 -1.11 -15.57 15.80
C PHE A 47 0.36 -15.99 15.78
N TRP A 48 1.13 -15.55 16.78
CA TRP A 48 2.51 -15.98 16.97
C TRP A 48 2.61 -17.03 18.10
N GLY A 49 1.47 -17.31 18.73
CA GLY A 49 1.43 -18.27 19.82
C GLY A 49 2.01 -17.72 21.10
N GLU A 50 2.06 -18.57 22.12
CA GLU A 50 2.42 -18.19 23.49
C GLU A 50 3.92 -17.95 23.64
N ASN A 51 4.27 -16.90 24.39
CA ASN A 51 5.67 -16.53 24.67
C ASN A 51 6.61 -16.45 23.46
N CYS A 52 6.23 -15.65 22.46
CA CYS A 52 7.05 -15.42 21.27
C CYS A 52 8.05 -14.28 21.52
N PRO A 53 9.36 -14.59 21.48
CA PRO A 53 10.41 -13.62 21.84
C PRO A 53 10.49 -12.41 20.91
N MET A 54 10.21 -12.62 19.62
CA MET A 54 10.08 -11.51 18.67
C MET A 54 8.93 -10.56 19.08
N MET A 55 7.79 -11.11 19.49
CA MET A 55 6.68 -10.29 19.95
C MET A 55 6.94 -9.61 21.30
N GLU A 56 7.61 -10.33 22.21
CA GLU A 56 8.03 -9.77 23.49
C GLU A 56 9.00 -8.59 23.31
N GLN A 57 9.89 -8.70 22.32
CA GLN A 57 10.78 -7.60 21.92
C GLN A 57 9.97 -6.40 21.40
N VAL A 58 9.03 -6.66 20.50
CA VAL A 58 8.18 -5.61 19.90
C VAL A 58 7.41 -4.86 21.00
N ILE A 59 6.73 -5.61 21.86
CA ILE A 59 5.93 -5.07 22.95
C ILE A 59 6.78 -4.27 23.94
N ALA A 60 7.97 -4.78 24.26
CA ALA A 60 8.91 -4.09 25.15
C ALA A 60 9.34 -2.74 24.57
N ASN A 61 9.48 -2.69 23.24
CA ASN A 61 9.86 -1.47 22.55
C ASN A 61 8.75 -0.41 22.55
N ILE A 62 7.52 -0.88 22.31
CA ILE A 62 6.32 -0.05 22.36
C ILE A 62 6.10 0.52 23.77
N ALA A 63 6.31 -0.33 24.78
CA ALA A 63 6.20 0.06 26.18
C ALA A 63 7.22 1.14 26.57
N ALA A 64 8.48 0.96 26.15
CA ALA A 64 9.53 1.97 26.33
C ALA A 64 9.12 3.32 25.75
N LEU A 65 8.62 3.33 24.52
CA LEU A 65 8.15 4.52 23.81
C LEU A 65 6.94 5.16 24.49
N ARG A 66 5.98 4.32 24.87
CA ARG A 66 4.81 4.76 25.64
C ARG A 66 5.17 5.40 26.98
N ASP A 67 6.08 4.77 27.75
CA ASP A 67 6.57 5.34 29.02
C ASP A 67 7.20 6.71 28.81
N TYR A 68 8.15 6.81 27.89
CA TYR A 68 8.72 8.09 27.49
C TYR A 68 7.64 9.13 27.14
N CYS A 69 6.68 8.72 26.30
CA CYS A 69 5.62 9.62 25.84
C CYS A 69 4.76 10.17 26.97
N LYS A 70 4.19 9.28 27.79
CA LYS A 70 3.41 9.66 28.95
C LYS A 70 4.17 10.61 29.87
N GLN A 71 5.40 10.25 30.22
CA GLN A 71 6.29 11.13 30.99
C GLN A 71 6.52 12.52 30.34
N HIS A 72 6.51 12.59 29.02
CA HIS A 72 6.82 13.84 28.33
C HIS A 72 5.61 14.53 27.68
N ASN A 73 4.41 14.18 28.15
CA ASN A 73 3.16 14.78 27.69
C ASN A 73 2.97 14.68 26.18
N ILE A 74 3.36 13.53 25.62
CA ILE A 74 3.04 13.16 24.25
C ILE A 74 1.80 12.24 24.31
N PRO A 75 0.67 12.70 23.77
CA PRO A 75 -0.52 11.84 23.83
C PRO A 75 -0.30 10.44 23.25
N VAL A 76 -0.90 9.44 23.90
CA VAL A 76 -0.81 8.06 23.40
C VAL A 76 -2.19 7.61 22.93
N TYR A 77 -2.25 7.12 21.68
CA TYR A 77 -3.48 6.59 21.09
C TYR A 77 -3.35 5.10 20.82
N TYR A 78 -4.42 4.37 21.10
CA TYR A 78 -4.56 2.97 20.68
C TYR A 78 -5.63 2.86 19.59
N THR A 79 -5.48 1.89 18.70
CA THR A 79 -6.60 1.45 17.88
C THR A 79 -7.03 0.05 18.28
N ALA A 80 -8.35 -0.13 18.38
CA ALA A 80 -8.95 -1.41 18.71
C ALA A 80 -10.09 -1.72 17.76
N GLN A 81 -10.03 -2.88 17.10
CA GLN A 81 -11.15 -3.34 16.26
C GLN A 81 -12.29 -3.85 17.13
N PRO A 82 -13.52 -3.36 16.87
CA PRO A 82 -14.66 -3.69 17.75
C PRO A 82 -15.05 -5.17 17.65
N LYS A 83 -15.49 -5.74 18.77
CA LYS A 83 -15.96 -7.14 18.85
C LYS A 83 -17.19 -7.41 17.95
N GLU A 84 -18.19 -6.54 18.02
CA GLU A 84 -19.39 -6.66 17.19
C GLU A 84 -19.28 -5.73 15.98
N GLN A 85 -19.41 -6.31 14.78
CA GLN A 85 -19.37 -5.57 13.51
C GLN A 85 -20.46 -6.11 12.59
N SER A 86 -21.47 -5.29 12.31
CA SER A 86 -22.52 -5.69 11.35
C SER A 86 -21.96 -5.86 9.94
N ASP A 87 -22.65 -6.66 9.12
CA ASP A 87 -22.27 -6.87 7.72
C ASP A 87 -22.12 -5.56 6.94
N GLU A 88 -23.02 -4.61 7.19
CA GLU A 88 -22.98 -3.29 6.57
C GLU A 88 -21.69 -2.55 6.94
N ASP A 89 -21.30 -2.62 8.20
CA ASP A 89 -20.09 -1.92 8.72
C ASP A 89 -18.79 -2.60 8.33
N ARG A 90 -18.72 -3.91 8.54
CA ARG A 90 -17.54 -4.69 8.15
C ARG A 90 -17.32 -4.69 6.61
N ALA A 91 -18.42 -4.72 5.86
CA ALA A 91 -18.41 -4.64 4.40
C ALA A 91 -17.44 -5.64 3.76
N LEU A 92 -16.55 -5.14 2.91
CA LEU A 92 -15.67 -5.94 2.07
C LEU A 92 -14.57 -6.69 2.85
N LEU A 93 -14.37 -6.31 4.12
CA LEU A 93 -13.44 -7.02 5.02
C LEU A 93 -13.86 -8.47 5.26
N ASN A 94 -15.17 -8.73 5.22
CA ASN A 94 -15.68 -10.11 5.35
C ASN A 94 -15.18 -10.94 4.15
N ASP A 95 -15.21 -10.34 2.95
CA ASP A 95 -14.71 -11.00 1.74
C ASP A 95 -13.19 -11.25 1.79
N MET A 96 -12.46 -10.32 2.42
CA MET A 96 -10.97 -10.36 2.42
C MET A 96 -10.37 -11.23 3.53
N TRP A 97 -10.95 -11.19 4.73
CA TRP A 97 -10.37 -11.84 5.91
C TRP A 97 -11.33 -12.79 6.61
N GLY A 98 -12.57 -12.87 6.13
CA GLY A 98 -13.61 -13.62 6.83
C GLY A 98 -14.00 -12.88 8.10
N PRO A 99 -14.57 -13.61 9.10
CA PRO A 99 -15.07 -12.97 10.32
C PRO A 99 -14.04 -12.22 11.17
N GLY A 100 -12.76 -12.57 11.02
CA GLY A 100 -11.68 -11.93 11.78
C GLY A 100 -11.84 -12.14 13.28
N LEU A 101 -11.68 -11.05 14.04
CA LEU A 101 -11.83 -11.12 15.50
C LEU A 101 -13.28 -11.31 15.97
N THR A 102 -14.25 -11.04 15.09
CA THR A 102 -15.68 -11.06 15.48
C THR A 102 -16.20 -12.44 15.92
N ARG A 103 -15.46 -13.50 15.61
CA ARG A 103 -15.81 -14.83 16.12
C ARG A 103 -14.87 -15.31 17.24
N SER A 104 -14.10 -14.37 17.78
CA SER A 104 -13.29 -14.57 18.97
C SER A 104 -13.42 -13.33 19.88
N PRO A 105 -14.66 -12.87 20.17
CA PRO A 105 -14.88 -11.57 20.84
C PRO A 105 -14.19 -11.42 22.20
N GLU A 106 -13.87 -12.55 22.85
CA GLU A 106 -13.17 -12.57 24.14
C GLU A 106 -11.70 -12.14 24.04
N GLN A 107 -11.17 -12.13 22.80
CA GLN A 107 -9.77 -11.79 22.52
C GLN A 107 -9.58 -10.33 22.03
N GLN A 108 -10.49 -9.46 22.44
CA GLN A 108 -10.58 -8.09 21.95
C GLN A 108 -9.76 -7.07 22.75
N LYS A 109 -9.32 -7.46 23.95
CA LYS A 109 -8.57 -6.57 24.84
C LYS A 109 -7.16 -6.29 24.28
N VAL A 110 -6.61 -5.12 24.58
CA VAL A 110 -5.18 -4.83 24.28
C VAL A 110 -4.32 -5.79 25.12
N VAL A 111 -3.22 -6.27 24.56
CA VAL A 111 -2.31 -7.17 25.31
C VAL A 111 -1.93 -6.64 26.70
N ASP A 112 -1.89 -7.55 27.68
CA ASP A 112 -1.61 -7.23 29.07
C ASP A 112 -0.53 -6.18 29.31
N ARG A 113 0.60 -6.33 28.64
CA ARG A 113 1.79 -5.54 28.96
C ARG A 113 1.76 -4.17 28.27
N LEU A 114 0.72 -3.93 27.48
CA LEU A 114 0.46 -2.62 26.88
C LEU A 114 -0.86 -1.98 27.35
N THR A 115 -1.42 -2.51 28.41
CA THR A 115 -2.67 -2.03 29.03
C THR A 115 -2.82 -0.51 29.09
N PRO A 116 -3.88 0.03 28.45
CA PRO A 116 -4.19 1.47 28.55
C PRO A 116 -4.62 1.88 29.96
N ASP A 117 -4.33 3.14 30.30
CA ASP A 117 -4.98 3.78 31.43
C ASP A 117 -5.94 4.87 30.92
N ALA A 118 -6.55 5.62 31.84
CA ALA A 118 -7.57 6.60 31.45
C ALA A 118 -7.00 7.85 30.77
N ASP A 119 -5.70 8.10 30.90
CA ASP A 119 -4.99 9.19 30.23
C ASP A 119 -4.58 8.91 28.78
N ASP A 120 -4.86 7.69 28.31
CA ASP A 120 -4.65 7.33 26.89
C ASP A 120 -5.98 7.39 26.19
N THR A 121 -5.93 7.36 24.86
CA THR A 121 -7.12 7.41 24.03
C THR A 121 -7.20 6.14 23.20
N VAL A 122 -8.31 5.42 23.37
CA VAL A 122 -8.61 4.22 22.61
C VAL A 122 -9.71 4.48 21.58
N LEU A 123 -9.32 4.34 20.30
CA LEU A 123 -10.20 4.55 19.17
C LEU A 123 -10.73 3.23 18.64
N VAL A 124 -12.01 3.20 18.29
CA VAL A 124 -12.57 2.09 17.52
C VAL A 124 -12.02 2.11 16.09
N LYS A 125 -11.47 0.97 15.68
CA LYS A 125 -10.80 0.80 14.40
C LYS A 125 -11.72 0.04 13.45
N TRP A 126 -12.16 0.68 12.37
CA TRP A 126 -13.09 0.06 11.41
C TRP A 126 -12.42 -0.39 10.12
N ARG A 127 -11.26 0.18 9.82
CA ARG A 127 -10.59 0.02 8.53
C ARG A 127 -9.07 0.04 8.75
N TYR A 128 -8.29 -0.35 7.73
CA TYR A 128 -6.83 -0.34 7.81
C TYR A 128 -6.23 0.96 8.34
N SER A 129 -6.76 2.10 7.88
CA SER A 129 -6.28 3.40 8.30
C SER A 129 -6.97 3.84 9.58
N ALA A 130 -6.17 4.16 10.59
CA ALA A 130 -6.66 4.61 11.89
C ALA A 130 -7.47 5.90 11.76
N PHE A 131 -7.28 6.62 10.64
CA PHE A 131 -8.01 7.86 10.34
C PHE A 131 -9.44 7.63 9.81
N HIS A 132 -9.66 6.50 9.15
CA HIS A 132 -11.00 6.20 8.60
C HIS A 132 -12.04 5.95 9.68
N ARG A 133 -13.15 6.68 9.57
CA ARG A 133 -14.31 6.53 10.48
C ARG A 133 -13.94 6.74 11.94
N SER A 134 -12.91 7.56 12.16
CA SER A 134 -12.44 7.87 13.50
C SER A 134 -12.24 9.38 13.70
N PRO A 135 -12.17 9.84 14.97
CA PRO A 135 -11.80 11.23 15.26
C PRO A 135 -10.30 11.58 15.23
N LEU A 136 -9.45 10.65 14.80
CA LEU A 136 -7.99 10.81 14.87
C LEU A 136 -7.42 12.10 14.25
N GLU A 137 -7.81 12.42 13.02
CA GLU A 137 -7.24 13.61 12.34
C GLU A 137 -7.52 14.90 13.11
N GLN A 138 -8.76 15.02 13.56
CA GLN A 138 -9.27 16.18 14.28
C GLN A 138 -8.69 16.27 15.68
N MET A 139 -8.50 15.14 16.34
CA MET A 139 -7.83 15.12 17.64
C MET A 139 -6.42 15.68 17.56
N LEU A 140 -5.70 15.29 16.51
CA LEU A 140 -4.29 15.69 16.33
C LEU A 140 -4.14 17.15 15.95
N LYS A 141 -4.91 17.61 14.96
CA LYS A 141 -4.92 19.01 14.53
C LYS A 141 -5.34 19.97 15.66
N GLU A 142 -6.31 19.55 16.48
CA GLU A 142 -6.76 20.36 17.60
C GLU A 142 -5.72 20.47 18.70
N SER A 143 -4.91 19.41 18.87
CA SER A 143 -3.87 19.39 19.88
C SER A 143 -2.55 19.97 19.38
N GLY A 144 -2.52 20.37 18.12
CA GLY A 144 -1.31 20.94 17.49
C GLY A 144 -0.22 19.92 17.18
N ARG A 145 -0.60 18.65 17.08
CA ARG A 145 0.35 17.56 16.80
C ARG A 145 0.36 17.19 15.33
N ASN A 146 1.50 17.36 14.66
CA ASN A 146 1.65 17.00 13.24
C ASN A 146 2.65 15.87 12.95
N GLN A 147 3.03 15.13 13.98
CA GLN A 147 3.88 13.95 13.86
C GLN A 147 3.22 12.77 14.57
N LEU A 148 3.12 11.64 13.88
CA LEU A 148 2.53 10.43 14.45
C LEU A 148 3.56 9.30 14.44
N ILE A 149 3.91 8.85 15.65
CA ILE A 149 4.78 7.69 15.83
C ILE A 149 3.92 6.43 15.66
N ILE A 150 4.31 5.56 14.75
CA ILE A 150 3.49 4.37 14.44
C ILE A 150 4.15 3.05 14.87
N THR A 151 3.43 2.29 15.67
CA THR A 151 3.90 1.01 16.22
C THR A 151 2.75 0.00 16.15
N GLY A 152 3.05 -1.30 16.22
CA GLY A 152 2.03 -2.35 16.25
C GLY A 152 2.06 -3.36 15.10
N VAL A 153 0.91 -3.98 14.84
CA VAL A 153 0.75 -5.04 13.83
C VAL A 153 -0.45 -4.70 12.93
N TYR A 154 -0.45 -5.06 11.64
CA TYR A 154 0.68 -5.69 10.94
C TYR A 154 1.33 -4.66 10.05
N ALA A 155 2.67 -4.60 10.09
CA ALA A 155 3.44 -3.52 9.44
C ALA A 155 2.93 -3.08 8.07
N HIS A 156 2.85 -4.00 7.11
CA HIS A 156 2.52 -3.64 5.72
C HIS A 156 1.03 -3.35 5.43
N ILE A 157 0.14 -3.71 6.36
CA ILE A 157 -1.31 -3.52 6.16
C ILE A 157 -1.81 -2.21 6.85
N GLY A 158 -2.39 -2.32 8.03
CA GLY A 158 -2.88 -1.15 8.75
C GLY A 158 -1.86 -0.10 9.15
N CYS A 159 -0.67 -0.52 9.57
CA CYS A 159 0.33 0.44 9.98
C CYS A 159 0.80 1.27 8.81
N MET A 160 1.07 0.60 7.69
CA MET A 160 1.58 1.26 6.48
C MET A 160 0.51 2.15 5.83
N THR A 161 -0.75 1.70 5.86
CA THR A 161 -1.90 2.47 5.37
C THR A 161 -2.17 3.74 6.18
N THR A 162 -2.15 3.62 7.50
CA THR A 162 -2.23 4.77 8.39
C THR A 162 -1.10 5.78 8.11
N ALA A 163 0.10 5.27 7.84
CA ALA A 163 1.28 6.10 7.53
C ALA A 163 1.01 6.95 6.29
N THR A 164 0.58 6.30 5.21
CA THR A 164 0.27 6.98 3.95
C THR A 164 -0.87 7.97 4.16
N ASP A 165 -1.91 7.52 4.84
CA ASP A 165 -3.06 8.36 5.15
C ASP A 165 -2.69 9.62 5.94
N ALA A 166 -1.96 9.44 7.05
CA ALA A 166 -1.37 10.56 7.82
C ALA A 166 -0.65 11.60 6.92
N PHE A 167 0.39 11.16 6.22
CA PHE A 167 1.06 11.90 5.14
C PHE A 167 0.13 12.73 4.27
N MET A 168 -0.95 12.11 3.78
CA MET A 168 -1.94 12.81 2.93
C MET A 168 -2.69 13.89 3.71
N ARG A 169 -2.88 13.64 5.01
CA ARG A 169 -3.55 14.57 5.93
C ARG A 169 -2.60 15.60 6.61
N ASP A 170 -1.38 15.73 6.07
CA ASP A 170 -0.36 16.72 6.52
C ASP A 170 0.28 16.40 7.87
N ILE A 171 0.16 15.13 8.25
CA ILE A 171 0.79 14.58 9.45
C ILE A 171 2.02 13.76 9.05
N LYS A 172 3.14 14.05 9.69
CA LYS A 172 4.40 13.36 9.47
C LYS A 172 4.45 12.01 10.23
N PRO A 173 4.34 10.89 9.49
CA PRO A 173 4.51 9.57 10.09
C PRO A 173 5.96 9.22 10.47
N PHE A 174 6.13 8.58 11.62
CA PHE A 174 7.40 7.99 12.03
C PHE A 174 7.15 6.51 12.27
N MET A 175 7.39 5.67 11.26
CA MET A 175 7.27 4.21 11.39
C MET A 175 8.44 3.73 12.22
N VAL A 176 8.16 3.00 13.29
CA VAL A 176 9.20 2.46 14.16
C VAL A 176 9.53 0.99 13.83
N ALA A 177 10.65 0.83 13.11
CA ALA A 177 11.08 -0.42 12.48
C ALA A 177 11.02 -1.68 13.36
N ASP A 178 11.50 -1.54 14.59
CA ASP A 178 11.58 -2.63 15.55
C ASP A 178 10.50 -2.57 16.63
N ALA A 179 9.49 -1.72 16.44
CA ALA A 179 8.30 -1.72 17.28
C ALA A 179 7.08 -2.05 16.41
N LEU A 180 7.34 -2.83 15.34
CA LEU A 180 6.33 -3.34 14.43
C LEU A 180 6.56 -4.83 14.24
N ALA A 181 5.50 -5.57 13.90
CA ALA A 181 5.67 -6.93 13.39
C ALA A 181 4.75 -7.11 12.18
N ASP A 182 5.00 -8.17 11.41
CA ASP A 182 4.22 -8.42 10.21
C ASP A 182 4.03 -9.91 10.04
N PHE A 183 3.37 -10.30 8.96
CA PHE A 183 3.17 -11.71 8.60
C PHE A 183 4.48 -12.39 8.30
N SER A 184 5.45 -11.60 7.83
CA SER A 184 6.71 -12.11 7.31
C SER A 184 7.74 -10.99 7.30
N ARG A 185 9.01 -11.36 7.25
CA ARG A 185 10.11 -10.39 7.27
C ARG A 185 10.16 -9.53 6.00
N ASP A 186 10.00 -10.16 4.84
CA ASP A 186 9.93 -9.46 3.55
C ASP A 186 8.84 -8.41 3.51
N GLU A 187 7.64 -8.80 3.94
CA GLU A 187 6.53 -7.85 4.07
C GLU A 187 6.80 -6.69 5.04
N HIS A 188 7.35 -7.01 6.21
CA HIS A 188 7.81 -6.02 7.19
C HIS A 188 8.83 -5.02 6.57
N LEU A 189 9.85 -5.55 5.89
CA LEU A 189 10.89 -4.72 5.29
C LEU A 189 10.39 -3.88 4.11
N MET A 190 9.48 -4.44 3.31
CA MET A 190 8.82 -3.70 2.25
C MET A 190 8.09 -2.47 2.82
N SER A 191 7.39 -2.65 3.94
CA SER A 191 6.65 -1.53 4.55
C SER A 191 7.59 -0.36 4.90
N LEU A 192 8.81 -0.68 5.32
CA LEU A 192 9.82 0.33 5.66
C LEU A 192 10.37 1.04 4.42
N LYS A 193 10.61 0.25 3.37
CA LYS A 193 11.06 0.79 2.08
C LYS A 193 9.99 1.71 1.48
N TYR A 194 8.72 1.32 1.67
CA TYR A 194 7.57 2.08 1.18
C TYR A 194 7.44 3.44 1.86
N VAL A 195 7.46 3.45 3.19
CA VAL A 195 7.37 4.69 3.94
C VAL A 195 8.59 5.57 3.70
N ALA A 196 9.79 4.98 3.77
CA ALA A 196 11.05 5.72 3.57
C ALA A 196 11.07 6.50 2.25
N GLY A 197 10.42 5.93 1.23
CA GLY A 197 10.39 6.50 -0.11
C GLY A 197 9.13 7.22 -0.52
N ARG A 198 8.01 7.01 0.19
CA ARG A 198 6.72 7.53 -0.28
C ARG A 198 5.90 8.35 0.70
N SER A 199 6.18 8.24 1.99
CA SER A 199 5.25 8.82 2.98
C SER A 199 5.80 9.30 4.32
N GLY A 200 7.03 8.93 4.67
CA GLY A 200 7.63 9.53 5.88
C GLY A 200 8.92 8.97 6.40
N ARG A 201 9.16 9.20 7.70
CA ARG A 201 10.38 8.75 8.35
C ARG A 201 10.20 7.34 8.86
N VAL A 202 11.27 6.55 8.75
CA VAL A 202 11.36 5.23 9.37
C VAL A 202 12.54 5.29 10.33
N VAL A 203 12.28 4.97 11.59
CA VAL A 203 13.32 5.08 12.62
C VAL A 203 13.39 3.81 13.49
N MET A 204 14.47 3.69 14.26
CA MET A 204 14.60 2.67 15.31
C MET A 204 14.06 3.25 16.60
N THR A 205 13.43 2.42 17.45
CA THR A 205 12.95 2.83 18.78
C THR A 205 13.96 3.74 19.54
N GLU A 206 15.21 3.29 19.67
CA GLU A 206 16.27 4.04 20.37
C GLU A 206 16.52 5.46 19.84
N GLU A 207 16.05 5.73 18.61
CA GLU A 207 16.26 7.03 17.97
C GLU A 207 15.28 8.07 18.51
N LEU A 208 14.16 7.60 19.03
CA LEU A 208 13.15 8.49 19.59
C LEU A 208 13.32 8.70 21.09
N LEU A 209 14.04 7.79 21.74
CA LEU A 209 14.26 7.84 23.18
C LEU A 209 15.41 8.81 23.50
N PRO A 210 15.26 9.63 24.56
CA PRO A 210 16.24 10.69 24.85
C PRO A 210 17.57 10.20 25.44
N ALA A 211 17.55 9.09 26.17
CA ALA A 211 18.76 8.56 26.82
C ALA A 211 18.79 7.02 26.92
N PRO A 212 18.76 6.33 25.76
CA PRO A 212 18.74 4.86 25.82
C PRO A 212 20.13 4.32 26.18
N ILE A 213 20.19 3.08 26.64
CA ILE A 213 21.49 2.44 26.91
C ILE A 213 22.29 2.29 25.63
N PRO A 214 23.60 2.56 25.67
CA PRO A 214 24.46 2.32 24.51
C PRO A 214 24.24 0.94 23.92
N ALA A 215 23.89 0.90 22.63
CA ALA A 215 23.66 -0.34 21.91
C ALA A 215 24.97 -0.90 21.33
N SER A 216 26.01 -0.07 21.32
CA SER A 216 27.32 -0.44 20.81
C SER A 216 28.40 0.30 21.60
N LYS A 217 29.64 -0.17 21.52
CA LYS A 217 30.78 0.50 22.15
C LYS A 217 30.99 1.86 21.48
N ALA A 218 30.60 1.95 20.22
CA ALA A 218 30.66 3.19 19.46
C ALA A 218 29.69 4.21 20.03
N ALA A 219 28.49 3.74 20.38
CA ALA A 219 27.46 4.58 20.99
C ALA A 219 27.90 5.03 22.37
N LEU A 220 28.51 4.13 23.13
CA LEU A 220 29.06 4.47 24.45
C LEU A 220 30.11 5.59 24.38
N ARG A 221 31.09 5.48 23.49
CA ARG A 221 32.05 6.58 23.28
C ARG A 221 31.33 7.91 23.06
N GLU A 222 30.21 7.86 22.35
CA GLU A 222 29.40 9.03 21.98
C GLU A 222 28.71 9.68 23.18
N VAL A 223 28.42 8.88 24.20
CA VAL A 223 27.89 9.37 25.47
C VAL A 223 29.01 10.01 26.32
N ILE A 224 30.17 9.36 26.33
CA ILE A 224 31.27 9.77 27.19
C ILE A 224 32.11 10.95 26.65
N LEU A 225 32.38 11.00 25.35
CA LEU A 225 33.30 12.00 24.79
C LEU A 225 33.01 13.50 25.09
N PRO A 226 31.73 13.94 24.98
CA PRO A 226 31.41 15.31 25.41
C PRO A 226 31.52 15.61 26.91
N LEU A 227 31.72 14.58 27.74
CA LEU A 227 31.89 14.78 29.17
C LEU A 227 33.36 15.02 29.59
N LEU A 228 34.27 15.00 28.61
CA LEU A 228 35.70 15.16 28.88
C LEU A 228 36.22 16.54 28.48
N ASP A 229 37.12 17.09 29.29
CA ASP A 229 37.84 18.32 28.95
C ASP A 229 39.19 17.91 28.36
N GLU A 230 39.36 18.09 27.05
CA GLU A 230 40.61 17.67 26.39
C GLU A 230 40.73 18.15 24.95
N SER A 231 41.97 18.18 24.46
CA SER A 231 42.25 18.42 23.04
C SER A 231 42.32 17.09 22.29
N ASP A 232 42.68 16.02 22.99
CA ASP A 232 42.79 14.67 22.42
C ASP A 232 41.75 13.72 22.98
N GLU A 233 41.13 12.94 22.10
CA GLU A 233 40.21 11.88 22.53
C GLU A 233 41.00 10.74 23.17
N PRO A 234 40.42 10.08 24.19
CA PRO A 234 41.12 8.96 24.84
C PRO A 234 40.97 7.66 24.05
N PHE A 235 41.92 6.75 24.22
CA PHE A 235 41.75 5.40 23.72
C PHE A 235 40.78 4.66 24.64
N ASP A 236 40.24 3.54 24.15
CA ASP A 236 39.22 2.77 24.86
C ASP A 236 39.71 2.20 26.20
N ASP A 237 41.03 2.05 26.35
CA ASP A 237 41.61 1.52 27.58
C ASP A 237 42.30 2.60 28.44
N ASP A 238 42.00 3.87 28.14
CA ASP A 238 42.49 5.02 28.91
C ASP A 238 41.55 5.34 30.05
N ASN A 239 42.15 5.69 31.19
CA ASN A 239 41.44 6.22 32.35
C ASN A 239 40.71 7.53 32.02
N LEU A 240 39.40 7.53 32.23
CA LEU A 240 38.53 8.64 31.83
C LEU A 240 38.65 9.86 32.74
N ILE A 241 39.00 9.61 34.00
CA ILE A 241 39.26 10.66 34.99
C ILE A 241 40.50 11.47 34.61
N ASP A 242 41.52 10.80 34.07
CA ASP A 242 42.73 11.46 33.50
C ASP A 242 42.38 12.44 32.39
N TYR A 243 41.22 12.21 31.75
CA TYR A 243 40.76 12.98 30.59
C TYR A 243 39.68 14.02 30.91
N GLY A 244 39.51 14.33 32.19
CA GLY A 244 38.59 15.40 32.60
C GLY A 244 37.20 14.97 33.06
N LEU A 245 36.90 13.67 33.01
CA LEU A 245 35.62 13.16 33.53
C LEU A 245 35.48 13.49 35.01
N ASP A 246 34.42 14.21 35.33
CA ASP A 246 34.04 14.48 36.70
C ASP A 246 33.54 13.17 37.27
N SER A 247 34.18 12.72 38.33
CA SER A 247 33.85 11.48 39.03
C SER A 247 32.37 11.32 39.38
N VAL A 248 31.71 12.45 39.70
CA VAL A 248 30.31 12.46 40.10
C VAL A 248 29.36 12.02 38.96
N ARG A 249 29.81 12.12 37.72
CA ARG A 249 29.02 11.69 36.56
C ARG A 249 28.71 10.20 36.60
N MET A 250 29.63 9.42 37.18
CA MET A 250 29.46 7.97 37.34
C MET A 250 28.28 7.55 38.23
N MET A 251 27.79 8.46 39.06
CA MET A 251 26.57 8.20 39.83
C MET A 251 25.35 8.13 38.91
N ALA A 252 25.26 9.07 37.95
CA ALA A 252 24.16 9.12 36.98
C ALA A 252 24.24 8.01 35.93
N LEU A 253 25.46 7.73 35.49
CA LEU A 253 25.74 6.63 34.58
C LEU A 253 25.33 5.29 35.16
N ALA A 254 25.79 4.99 36.38
CA ALA A 254 25.42 3.76 37.07
C ALA A 254 23.91 3.61 37.28
N ALA A 255 23.24 4.70 37.66
CA ALA A 255 21.80 4.70 37.91
C ALA A 255 21.02 4.42 36.63
N ARG A 256 21.50 4.96 35.51
CA ARG A 256 20.92 4.67 34.20
C ARG A 256 21.17 3.22 33.80
N TRP A 257 22.38 2.74 34.05
CA TRP A 257 22.79 1.40 33.62
C TRP A 257 22.35 0.26 34.56
N ARG A 258 21.88 0.63 35.76
CA ARG A 258 21.24 -0.34 36.67
C ARG A 258 19.92 -0.87 36.13
N LYS A 259 19.26 -0.09 35.27
CA LYS A 259 17.99 -0.47 34.66
C LYS A 259 18.12 -1.74 33.81
N VAL A 260 19.35 -2.06 33.40
CA VAL A 260 19.66 -3.30 32.67
C VAL A 260 20.31 -4.34 33.59
N HIS A 261 21.37 -3.92 34.29
CA HIS A 261 22.07 -4.80 35.24
C HIS A 261 22.02 -4.27 36.66
N GLY A 262 21.15 -4.86 37.48
CA GLY A 262 20.88 -4.39 38.85
C GLY A 262 22.06 -4.27 39.79
N ASP A 263 23.22 -4.79 39.38
CA ASP A 263 24.42 -4.82 40.21
C ASP A 263 25.43 -3.66 39.95
N ILE A 264 25.29 -3.00 38.80
CA ILE A 264 26.18 -1.89 38.41
C ILE A 264 25.98 -0.64 39.28
N ASP A 265 26.97 -0.32 40.10
CA ASP A 265 26.94 0.91 40.90
C ASP A 265 28.16 1.80 40.65
N PHE A 266 28.26 2.89 41.39
CA PHE A 266 29.40 3.81 41.33
C PHE A 266 30.75 3.08 41.51
N VAL A 267 30.82 2.16 42.48
CA VAL A 267 32.06 1.38 42.76
C VAL A 267 32.54 0.57 41.55
N MET A 268 31.63 -0.21 40.96
CA MET A 268 31.88 -1.02 39.75
C MET A 268 32.39 -0.22 38.54
N LEU A 269 31.85 0.98 38.37
CA LEU A 269 32.33 1.89 37.35
C LEU A 269 33.69 2.52 37.70
N ALA A 270 33.82 3.00 38.94
CA ALA A 270 34.98 3.79 39.42
C ALA A 270 36.33 3.06 39.54
N LYS A 271 36.29 1.76 39.83
CA LYS A 271 37.49 0.92 40.02
C LYS A 271 38.27 0.66 38.72
N ASN A 272 37.61 0.87 37.58
CA ASN A 272 38.21 0.70 36.27
C ASN A 272 37.46 1.57 35.26
N PRO A 273 37.72 2.90 35.30
CA PRO A 273 36.94 3.86 34.51
C PRO A 273 37.44 3.99 33.06
N THR A 274 37.15 2.97 32.24
CA THR A 274 37.52 2.97 30.82
C THR A 274 36.34 2.60 29.93
N ILE A 275 36.35 3.08 28.69
CA ILE A 275 35.33 2.70 27.70
C ILE A 275 35.31 1.18 27.50
N ASP A 276 36.49 0.55 27.49
CA ASP A 276 36.61 -0.91 27.41
C ASP A 276 35.92 -1.66 28.55
N ALA A 277 36.14 -1.20 29.79
CA ALA A 277 35.63 -1.85 31.00
C ALA A 277 34.12 -1.69 31.17
N TRP A 278 33.64 -0.50 30.80
CA TRP A 278 32.22 -0.16 30.91
C TRP A 278 31.39 -0.84 29.83
N TRP A 279 31.90 -0.91 28.61
CA TRP A 279 31.20 -1.62 27.55
C TRP A 279 31.08 -3.11 27.87
N LYS A 280 32.16 -3.68 28.39
CA LYS A 280 32.18 -5.07 28.84
C LYS A 280 31.11 -5.34 29.92
N LEU A 281 30.90 -4.35 30.80
CA LEU A 281 29.88 -4.40 31.84
C LEU A 281 28.45 -4.32 31.29
N LEU A 282 28.25 -3.50 30.25
CA LEU A 282 26.93 -3.33 29.64
C LEU A 282 26.54 -4.50 28.75
N SER A 283 27.54 -5.20 28.22
CA SER A 283 27.34 -6.26 27.23
C SER A 283 26.70 -7.53 27.79
N ARG A 284 27.19 -7.99 28.95
CA ARG A 284 26.79 -9.28 29.54
C ARG A 284 25.29 -9.58 29.51
N GLU A 285 24.91 -10.76 29.00
CA GLU A 285 23.52 -11.12 28.76
C GLU A 285 22.69 -11.27 30.04
N PRO B 6 12.76 9.42 -12.80
CA PRO B 6 13.96 9.46 -11.98
C PRO B 6 15.34 9.13 -12.63
N LYS B 7 15.44 8.76 -13.93
CA LYS B 7 14.37 8.62 -14.91
C LYS B 7 14.08 7.14 -15.19
N LEU B 8 13.14 6.87 -16.09
CA LEU B 8 12.52 5.54 -16.18
C LEU B 8 12.78 4.79 -17.50
N GLN B 9 12.97 3.48 -17.38
CA GLN B 9 13.13 2.59 -18.53
C GLN B 9 12.03 1.53 -18.57
N ALA B 10 11.58 1.19 -19.77
CA ALA B 10 10.59 0.13 -19.97
C ALA B 10 11.02 -1.21 -19.33
N TYR B 11 10.03 -2.06 -19.11
CA TYR B 11 10.27 -3.37 -18.52
C TYR B 11 9.22 -4.34 -19.10
N ALA B 12 9.31 -5.62 -18.76
CA ALA B 12 8.33 -6.58 -19.29
C ALA B 12 7.01 -6.51 -18.53
N LEU B 13 5.99 -5.95 -19.15
CA LEU B 13 4.63 -5.90 -18.58
C LEU B 13 4.15 -7.26 -18.09
N PRO B 14 3.43 -7.27 -16.95
CA PRO B 14 2.81 -8.49 -16.43
C PRO B 14 1.83 -9.14 -17.41
N GLU B 15 1.90 -10.48 -17.48
CA GLU B 15 0.98 -11.33 -18.22
C GLU B 15 0.06 -12.06 -17.24
N SER B 16 -0.90 -12.82 -17.76
CA SER B 16 -1.89 -13.50 -16.91
C SER B 16 -1.31 -14.36 -15.79
N HIS B 17 -0.17 -14.99 -16.07
CA HIS B 17 0.47 -15.92 -15.13
C HIS B 17 1.25 -15.18 -14.05
N ASP B 18 1.55 -13.90 -14.30
CA ASP B 18 2.24 -13.02 -13.35
C ASP B 18 1.28 -12.47 -12.30
N ILE B 19 -0.03 -12.55 -12.58
CA ILE B 19 -1.03 -12.14 -11.59
C ILE B 19 -1.13 -13.17 -10.44
N PRO B 20 -0.87 -12.71 -9.19
CA PRO B 20 -0.98 -13.60 -8.02
C PRO B 20 -2.44 -13.91 -7.73
N GLN B 21 -2.69 -15.08 -7.15
CA GLN B 21 -4.04 -15.53 -6.86
C GLN B 21 -4.75 -14.51 -5.97
N ASN B 22 -5.91 -14.04 -6.44
CA ASN B 22 -6.73 -13.12 -5.66
C ASN B 22 -7.45 -13.82 -4.50
N LYS B 23 -7.45 -13.19 -3.33
CA LYS B 23 -8.28 -13.62 -2.20
C LYS B 23 -9.79 -13.55 -2.50
N VAL B 24 -10.24 -12.45 -3.09
CA VAL B 24 -11.67 -12.29 -3.46
C VAL B 24 -11.98 -12.69 -4.90
N ASP B 25 -13.26 -12.88 -5.20
CA ASP B 25 -13.68 -13.28 -6.54
C ASP B 25 -14.89 -12.50 -7.06
N TRP B 26 -14.98 -11.24 -6.66
CA TRP B 26 -16.05 -10.37 -7.14
C TRP B 26 -16.06 -10.41 -8.66
N ALA B 27 -17.19 -10.84 -9.23
CA ALA B 27 -17.36 -10.80 -10.66
C ALA B 27 -17.50 -9.36 -11.07
N PHE B 28 -16.85 -8.99 -12.17
CA PHE B 28 -17.00 -7.67 -12.73
C PHE B 28 -18.46 -7.49 -13.15
N GLU B 29 -19.06 -6.37 -12.75
CA GLU B 29 -20.41 -6.02 -13.18
C GLU B 29 -20.40 -4.62 -13.81
N PRO B 30 -20.50 -4.57 -15.16
CA PRO B 30 -20.47 -3.34 -15.97
C PRO B 30 -21.38 -2.22 -15.46
N GLN B 31 -22.58 -2.61 -15.03
CA GLN B 31 -23.65 -1.72 -14.59
C GLN B 31 -23.36 -1.11 -13.22
N ARG B 32 -22.40 -1.70 -12.51
CA ARG B 32 -22.01 -1.24 -11.19
C ARG B 32 -20.62 -0.59 -11.17
N ALA B 33 -19.98 -0.52 -12.33
CA ALA B 33 -18.57 -0.15 -12.42
C ALA B 33 -18.32 1.26 -12.98
N ALA B 34 -17.11 1.75 -12.70
CA ALA B 34 -16.60 2.99 -13.25
C ALA B 34 -15.11 2.82 -13.57
N LEU B 35 -14.60 3.69 -14.44
CA LEU B 35 -13.20 3.60 -14.85
C LEU B 35 -12.46 4.81 -14.36
N LEU B 36 -11.35 4.56 -13.67
CA LEU B 36 -10.41 5.59 -13.30
C LEU B 36 -9.20 5.54 -14.23
N ILE B 37 -8.89 6.67 -14.85
CA ILE B 37 -7.66 6.84 -15.60
C ILE B 37 -6.75 7.73 -14.76
N HIS B 38 -5.82 7.09 -14.07
CA HIS B 38 -5.09 7.72 -12.98
C HIS B 38 -3.81 8.46 -13.41
N ASP B 39 -3.88 9.79 -13.38
CA ASP B 39 -2.73 10.71 -13.54
C ASP B 39 -1.91 10.53 -14.81
N MET B 40 -2.62 10.36 -15.92
CA MET B 40 -1.97 10.05 -17.16
C MET B 40 -1.61 11.33 -17.92
N GLN B 41 -0.80 12.16 -17.28
CA GLN B 41 -0.43 13.48 -17.81
C GLN B 41 0.95 13.43 -18.45
N ASP B 42 1.17 14.27 -19.44
CA ASP B 42 2.45 14.37 -20.15
C ASP B 42 3.67 14.38 -19.23
N TYR B 43 3.59 15.12 -18.12
CA TYR B 43 4.68 15.18 -17.17
C TYR B 43 5.15 13.80 -16.69
N PHE B 44 4.19 12.98 -16.26
CA PHE B 44 4.50 11.67 -15.68
C PHE B 44 4.91 10.65 -16.72
N VAL B 45 4.26 10.69 -17.88
CA VAL B 45 4.49 9.75 -18.97
C VAL B 45 5.80 10.05 -19.72
N SER B 46 6.19 11.32 -19.79
CA SER B 46 7.40 11.73 -20.52
C SER B 46 8.69 11.39 -19.79
N PHE B 47 8.56 10.82 -18.59
CA PHE B 47 9.70 10.27 -17.85
C PHE B 47 10.22 8.96 -18.46
N TRP B 48 9.43 8.38 -19.37
CA TRP B 48 9.78 7.18 -20.13
C TRP B 48 10.38 7.50 -21.49
N GLY B 49 10.26 8.75 -21.92
CA GLY B 49 10.82 9.17 -23.20
C GLY B 49 9.85 8.94 -24.34
N GLU B 50 10.14 9.59 -25.47
CA GLU B 50 9.27 9.55 -26.64
C GLU B 50 9.19 8.15 -27.20
N ASN B 51 7.99 7.76 -27.65
CA ASN B 51 7.77 6.49 -28.36
C ASN B 51 8.24 5.26 -27.58
N CYS B 52 7.88 5.21 -26.30
CA CYS B 52 8.18 4.05 -25.46
C CYS B 52 7.18 2.94 -25.79
N PRO B 53 7.68 1.80 -26.33
CA PRO B 53 6.80 0.67 -26.69
C PRO B 53 5.98 0.10 -25.52
N MET B 54 6.49 0.20 -24.30
CA MET B 54 5.76 -0.32 -23.15
C MET B 54 4.62 0.60 -22.80
N MET B 55 4.91 1.90 -22.75
CA MET B 55 3.90 2.90 -22.44
C MET B 55 2.86 3.02 -23.55
N GLU B 56 3.27 2.73 -24.78
CA GLU B 56 2.35 2.67 -25.91
C GLU B 56 1.35 1.54 -25.76
N GLN B 57 1.82 0.38 -25.29
CA GLN B 57 0.92 -0.74 -24.95
C GLN B 57 -0.01 -0.39 -23.76
N VAL B 58 0.52 0.29 -22.76
CA VAL B 58 -0.27 0.66 -21.59
C VAL B 58 -1.41 1.61 -21.99
N ILE B 59 -1.05 2.66 -22.72
CA ILE B 59 -2.03 3.62 -23.25
C ILE B 59 -3.07 2.97 -24.19
N ALA B 60 -2.65 1.99 -25.00
CA ALA B 60 -3.56 1.28 -25.91
C ALA B 60 -4.63 0.44 -25.18
N ASN B 61 -4.24 -0.19 -24.07
CA ASN B 61 -5.16 -0.97 -23.24
C ASN B 61 -6.15 -0.10 -22.47
N ILE B 62 -5.66 1.03 -21.96
CA ILE B 62 -6.51 2.03 -21.34
C ILE B 62 -7.52 2.59 -22.36
N ALA B 63 -7.03 2.93 -23.56
CA ALA B 63 -7.88 3.42 -24.65
C ALA B 63 -8.97 2.42 -25.03
N ALA B 64 -8.60 1.14 -25.12
CA ALA B 64 -9.55 0.04 -25.36
C ALA B 64 -10.57 -0.08 -24.22
N LEU B 65 -10.12 0.14 -22.99
CA LEU B 65 -11.02 0.09 -21.84
C LEU B 65 -11.98 1.27 -21.82
N ARG B 66 -11.51 2.45 -22.21
CA ARG B 66 -12.32 3.65 -22.18
C ARG B 66 -13.37 3.64 -23.32
N ASP B 67 -12.98 3.16 -24.50
CA ASP B 67 -13.92 2.92 -25.60
C ASP B 67 -15.05 1.97 -25.17
N TYR B 68 -14.70 0.82 -24.61
CA TYR B 68 -15.66 -0.14 -24.12
C TYR B 68 -16.59 0.48 -23.08
N CYS B 69 -16.01 1.20 -22.12
CA CYS B 69 -16.76 1.89 -21.08
C CYS B 69 -17.75 2.92 -21.60
N LYS B 70 -17.27 3.85 -22.43
CA LYS B 70 -18.12 4.91 -23.00
C LYS B 70 -19.25 4.32 -23.85
N GLN B 71 -18.97 3.20 -24.50
CA GLN B 71 -19.97 2.51 -25.31
C GLN B 71 -21.00 1.77 -24.45
N HIS B 72 -20.58 1.28 -23.28
CA HIS B 72 -21.47 0.52 -22.41
C HIS B 72 -21.97 1.25 -21.17
N ASN B 73 -21.93 2.59 -21.23
CA ASN B 73 -22.44 3.47 -20.16
C ASN B 73 -21.75 3.37 -18.80
N ILE B 74 -20.46 3.03 -18.84
CA ILE B 74 -19.63 3.02 -17.65
C ILE B 74 -18.89 4.36 -17.60
N PRO B 75 -19.16 5.18 -16.56
CA PRO B 75 -18.53 6.51 -16.40
C PRO B 75 -16.99 6.45 -16.37
N VAL B 76 -16.34 7.42 -17.01
CA VAL B 76 -14.88 7.45 -17.07
C VAL B 76 -14.43 8.69 -16.29
N TYR B 77 -13.50 8.47 -15.35
CA TYR B 77 -12.95 9.51 -14.50
C TYR B 77 -11.45 9.66 -14.76
N TYR B 78 -10.96 10.89 -14.81
CA TYR B 78 -9.54 11.15 -14.89
C TYR B 78 -9.16 11.88 -13.60
N THR B 79 -8.02 11.53 -13.03
CA THR B 79 -7.44 12.40 -12.03
C THR B 79 -6.30 13.15 -12.68
N ALA B 80 -6.26 14.47 -12.45
CA ALA B 80 -5.20 15.32 -12.97
C ALA B 80 -4.64 16.26 -11.88
N GLN B 81 -3.33 16.19 -11.64
CA GLN B 81 -2.68 17.07 -10.68
C GLN B 81 -2.59 18.49 -11.21
N PRO B 82 -3.02 19.49 -10.40
CA PRO B 82 -3.07 20.90 -10.82
C PRO B 82 -1.67 21.53 -11.01
N LYS B 83 -1.56 22.54 -11.91
CA LYS B 83 -0.31 23.31 -12.11
C LYS B 83 -0.03 24.18 -10.90
N GLU B 84 -1.09 24.79 -10.39
CA GLU B 84 -1.04 25.75 -9.28
C GLU B 84 -1.09 25.01 -7.96
N GLN B 85 0.01 25.02 -7.19
CA GLN B 85 0.05 24.32 -5.89
C GLN B 85 0.84 25.08 -4.81
N SER B 86 0.13 25.83 -3.98
CA SER B 86 0.78 26.60 -2.90
C SER B 86 1.52 25.65 -1.96
N ASP B 87 2.40 26.20 -1.12
CA ASP B 87 3.13 25.38 -0.15
C ASP B 87 2.21 24.76 0.91
N GLU B 88 1.15 25.49 1.26
CA GLU B 88 0.12 25.04 2.18
C GLU B 88 -0.67 23.85 1.62
N ASP B 89 -1.13 23.97 0.37
CA ASP B 89 -1.88 22.89 -0.32
C ASP B 89 -1.02 21.68 -0.66
N ARG B 90 0.16 21.93 -1.21
CA ARG B 90 1.08 20.86 -1.61
C ARG B 90 1.66 20.16 -0.39
N ALA B 91 1.94 20.94 0.66
CA ALA B 91 2.37 20.43 1.96
C ALA B 91 3.57 19.48 1.89
N LEU B 92 3.41 18.25 2.39
CA LEU B 92 4.55 17.34 2.55
C LEU B 92 5.04 16.69 1.25
N LEU B 93 4.23 16.76 0.21
CA LEU B 93 4.66 16.32 -1.14
C LEU B 93 5.89 17.09 -1.65
N ASN B 94 6.05 18.35 -1.22
CA ASN B 94 7.25 19.15 -1.50
C ASN B 94 8.49 18.53 -0.87
N ASP B 95 8.34 18.11 0.38
CA ASP B 95 9.39 17.42 1.10
C ASP B 95 9.72 16.09 0.39
N MET B 96 8.69 15.34 0.02
CA MET B 96 8.84 14.01 -0.59
C MET B 96 9.35 14.04 -2.05
N TRP B 97 8.80 14.93 -2.89
CA TRP B 97 9.03 14.90 -4.34
C TRP B 97 9.66 16.16 -4.94
N GLY B 98 9.81 17.19 -4.13
CA GLY B 98 10.13 18.52 -4.65
C GLY B 98 8.94 19.11 -5.39
N PRO B 99 9.20 20.00 -6.39
CA PRO B 99 8.10 20.69 -7.06
C PRO B 99 7.13 19.80 -7.88
N GLY B 100 7.57 18.62 -8.30
CA GLY B 100 6.69 17.75 -9.09
C GLY B 100 6.35 18.44 -10.40
N LEU B 101 5.13 18.27 -10.88
CA LEU B 101 4.74 18.87 -12.16
C LEU B 101 4.57 20.39 -12.17
N THR B 102 4.48 20.99 -10.99
CA THR B 102 4.18 22.41 -10.85
C THR B 102 5.21 23.34 -11.52
N ARG B 103 6.39 22.79 -11.82
CA ARG B 103 7.45 23.55 -12.51
C ARG B 103 7.38 23.39 -14.03
N SER B 104 6.31 22.75 -14.51
CA SER B 104 6.15 22.38 -15.92
C SER B 104 4.76 22.74 -16.48
N PRO B 105 4.49 24.04 -16.73
CA PRO B 105 3.21 24.51 -17.31
C PRO B 105 2.79 23.80 -18.60
N GLU B 106 3.78 23.37 -19.38
CA GLU B 106 3.55 22.79 -20.71
C GLU B 106 3.23 21.30 -20.71
N GLN B 107 3.31 20.67 -19.54
CA GLN B 107 3.20 19.20 -19.44
C GLN B 107 2.03 18.71 -18.57
N GLN B 108 0.96 19.52 -18.51
CA GLN B 108 -0.11 19.37 -17.52
C GLN B 108 -1.28 18.53 -18.01
N LYS B 109 -1.47 18.51 -19.32
CA LYS B 109 -2.61 17.88 -19.95
C LYS B 109 -2.48 16.36 -20.03
N VAL B 110 -3.62 15.67 -20.01
CA VAL B 110 -3.66 14.24 -20.25
C VAL B 110 -3.02 13.93 -21.62
N VAL B 111 -2.27 12.82 -21.68
CA VAL B 111 -1.62 12.38 -22.92
C VAL B 111 -2.58 12.37 -24.13
N ASP B 112 -2.12 12.89 -25.27
CA ASP B 112 -2.95 13.04 -26.48
C ASP B 112 -3.92 11.90 -26.79
N ARG B 113 -3.44 10.66 -26.70
CA ARG B 113 -4.22 9.48 -27.06
C ARG B 113 -5.36 9.14 -26.07
N LEU B 114 -5.31 9.74 -24.87
CA LEU B 114 -6.36 9.53 -23.89
C LEU B 114 -7.16 10.79 -23.60
N THR B 115 -7.08 11.76 -24.52
CA THR B 115 -7.79 13.05 -24.43
C THR B 115 -9.23 12.87 -23.95
N PRO B 116 -9.58 13.45 -22.80
CA PRO B 116 -10.95 13.46 -22.31
C PRO B 116 -11.90 14.26 -23.18
N ASP B 117 -13.19 13.89 -23.16
CA ASP B 117 -14.24 14.73 -23.75
C ASP B 117 -15.22 15.19 -22.66
N ALA B 118 -16.19 16.03 -23.05
CA ALA B 118 -17.15 16.58 -22.09
C ALA B 118 -18.02 15.53 -21.38
N ASP B 119 -18.00 14.28 -21.86
CA ASP B 119 -18.83 13.23 -21.29
C ASP B 119 -18.07 12.43 -20.23
N ASP B 120 -16.78 12.72 -20.08
CA ASP B 120 -15.94 12.17 -19.01
C ASP B 120 -15.86 13.14 -17.81
N THR B 121 -15.27 12.69 -16.70
CA THR B 121 -15.06 13.57 -15.53
C THR B 121 -13.57 13.70 -15.23
N VAL B 122 -13.08 14.92 -15.15
CA VAL B 122 -11.70 15.19 -14.75
C VAL B 122 -11.67 15.70 -13.32
N LEU B 123 -11.00 14.98 -12.42
CA LEU B 123 -10.88 15.41 -11.01
C LEU B 123 -9.51 15.99 -10.69
N VAL B 124 -9.49 17.16 -10.06
CA VAL B 124 -8.25 17.75 -9.52
C VAL B 124 -7.69 16.75 -8.50
N LYS B 125 -6.47 16.30 -8.75
CA LYS B 125 -5.79 15.29 -7.92
C LYS B 125 -4.82 15.95 -6.96
N TRP B 126 -5.16 15.99 -5.68
CA TRP B 126 -4.30 16.66 -4.70
C TRP B 126 -3.32 15.70 -3.98
N ARG B 127 -3.73 14.44 -3.81
CA ARG B 127 -2.95 13.45 -3.05
C ARG B 127 -2.88 12.11 -3.80
N TYR B 128 -2.26 11.09 -3.18
CA TYR B 128 -2.11 9.78 -3.84
C TYR B 128 -3.45 9.18 -4.17
N SER B 129 -4.33 9.18 -3.19
CA SER B 129 -5.66 8.64 -3.34
C SER B 129 -6.57 9.59 -4.11
N ALA B 130 -7.26 9.03 -5.11
CA ALA B 130 -8.15 9.80 -5.97
C ALA B 130 -9.33 10.36 -5.18
N PHE B 131 -9.61 9.72 -4.05
CA PHE B 131 -10.74 10.01 -3.17
C PHE B 131 -10.54 11.19 -2.25
N HIS B 132 -9.29 11.56 -2.00
CA HIS B 132 -8.94 12.64 -1.06
C HIS B 132 -9.13 14.02 -1.69
N ARG B 133 -9.82 14.90 -0.98
CA ARG B 133 -10.05 16.29 -1.40
C ARG B 133 -10.76 16.30 -2.74
N SER B 134 -11.58 15.27 -2.95
CA SER B 134 -12.25 15.04 -4.23
C SER B 134 -13.70 14.60 -4.02
N PRO B 135 -14.56 14.87 -5.01
CA PRO B 135 -15.95 14.39 -4.94
C PRO B 135 -16.15 12.98 -5.47
N LEU B 136 -15.07 12.21 -5.60
CA LEU B 136 -15.16 10.87 -6.23
C LEU B 136 -16.13 9.91 -5.52
N GLU B 137 -15.96 9.69 -4.22
CA GLU B 137 -16.82 8.75 -3.49
C GLU B 137 -18.29 9.07 -3.61
N GLN B 138 -18.63 10.35 -3.46
CA GLN B 138 -20.00 10.84 -3.56
C GLN B 138 -20.56 10.63 -4.97
N MET B 139 -19.79 11.05 -5.97
CA MET B 139 -20.14 10.85 -7.39
C MET B 139 -20.46 9.39 -7.70
N LEU B 140 -19.64 8.49 -7.18
CA LEU B 140 -19.85 7.04 -7.34
C LEU B 140 -21.11 6.50 -6.63
N LYS B 141 -21.39 6.97 -5.42
CA LYS B 141 -22.54 6.48 -4.61
C LYS B 141 -23.89 6.83 -5.22
N GLU B 142 -23.96 8.05 -5.75
CA GLU B 142 -25.16 8.57 -6.39
C GLU B 142 -25.48 7.88 -7.72
N SER B 143 -24.45 7.28 -8.33
CA SER B 143 -24.63 6.60 -9.61
C SER B 143 -24.75 5.09 -9.46
N GLY B 144 -24.89 4.61 -8.22
CA GLY B 144 -25.01 3.18 -7.95
C GLY B 144 -23.80 2.36 -8.35
N ARG B 145 -22.65 3.02 -8.49
CA ARG B 145 -21.41 2.34 -8.90
C ARG B 145 -20.53 1.99 -7.68
N ASN B 146 -20.40 0.70 -7.39
CA ASN B 146 -19.52 0.23 -6.31
C ASN B 146 -18.31 -0.61 -6.75
N GLN B 147 -18.00 -0.54 -8.04
CA GLN B 147 -16.76 -1.13 -8.58
C GLN B 147 -15.94 -0.07 -9.29
N LEU B 148 -14.62 -0.13 -9.13
CA LEU B 148 -13.77 0.88 -9.74
C LEU B 148 -12.57 0.24 -10.42
N ILE B 149 -12.52 0.39 -11.75
CA ILE B 149 -11.43 -0.09 -12.57
C ILE B 149 -10.28 0.87 -12.46
N ILE B 150 -9.12 0.39 -12.04
CA ILE B 150 -7.97 1.26 -11.84
C ILE B 150 -6.91 1.01 -12.91
N THR B 151 -6.53 2.11 -13.58
CA THR B 151 -5.51 2.11 -14.63
C THR B 151 -4.60 3.36 -14.49
N GLY B 152 -3.42 3.34 -15.11
CA GLY B 152 -2.55 4.53 -15.16
C GLY B 152 -1.25 4.42 -14.39
N VAL B 153 -0.72 5.56 -13.94
CA VAL B 153 0.59 5.60 -13.28
C VAL B 153 0.50 6.43 -12.00
N TYR B 154 1.32 6.18 -10.97
CA TYR B 154 2.24 5.04 -10.85
C TYR B 154 1.58 3.94 -10.02
N ALA B 155 1.67 2.70 -10.51
CA ALA B 155 0.98 1.55 -9.94
C ALA B 155 1.03 1.44 -8.39
N HIS B 156 2.22 1.34 -7.82
CA HIS B 156 2.37 1.13 -6.37
C HIS B 156 2.15 2.37 -5.49
N ILE B 157 2.04 3.54 -6.11
CA ILE B 157 1.86 4.77 -5.35
C ILE B 157 0.39 5.19 -5.39
N GLY B 158 0.06 6.08 -6.34
CA GLY B 158 -1.31 6.55 -6.51
C GLY B 158 -2.36 5.49 -6.76
N CYS B 159 -2.10 4.53 -7.65
CA CYS B 159 -3.10 3.51 -8.02
C CYS B 159 -3.36 2.54 -6.90
N MET B 160 -2.31 2.07 -6.24
CA MET B 160 -2.43 1.18 -5.08
C MET B 160 -3.11 1.81 -3.86
N THR B 161 -2.78 3.07 -3.59
CA THR B 161 -3.43 3.83 -2.53
C THR B 161 -4.91 4.06 -2.82
N THR B 162 -5.22 4.45 -4.06
CA THR B 162 -6.61 4.62 -4.50
C THR B 162 -7.43 3.32 -4.35
N ALA B 163 -6.85 2.18 -4.72
CA ALA B 163 -7.46 0.84 -4.55
C ALA B 163 -7.78 0.51 -3.11
N THR B 164 -6.80 0.68 -2.24
CA THR B 164 -6.97 0.48 -0.79
C THR B 164 -8.01 1.46 -0.23
N ASP B 165 -7.93 2.73 -0.64
CA ASP B 165 -8.90 3.73 -0.17
C ASP B 165 -10.33 3.41 -0.67
N ALA B 166 -10.45 2.90 -1.91
CA ALA B 166 -11.72 2.45 -2.46
C ALA B 166 -12.30 1.31 -1.63
N PHE B 167 -11.48 0.30 -1.38
CA PHE B 167 -11.81 -0.86 -0.56
C PHE B 167 -12.31 -0.42 0.81
N MET B 168 -11.63 0.57 1.41
CA MET B 168 -12.02 1.06 2.73
C MET B 168 -13.33 1.84 2.67
N ARG B 169 -13.58 2.49 1.54
CA ARG B 169 -14.83 3.22 1.32
C ARG B 169 -15.96 2.35 0.69
N ASP B 170 -15.79 1.01 0.76
CA ASP B 170 -16.78 0.00 0.26
C ASP B 170 -16.99 0.00 -1.27
N ILE B 171 -15.93 0.28 -1.99
CA ILE B 171 -15.90 0.25 -3.45
C ILE B 171 -14.92 -0.87 -3.86
N LYS B 172 -15.30 -1.71 -4.81
CA LYS B 172 -14.48 -2.85 -5.23
C LYS B 172 -13.45 -2.43 -6.27
N PRO B 173 -12.15 -2.48 -5.91
CA PRO B 173 -11.12 -2.18 -6.89
C PRO B 173 -10.84 -3.38 -7.81
N PHE B 174 -10.73 -3.09 -9.10
CA PHE B 174 -10.22 -4.02 -10.09
C PHE B 174 -9.00 -3.30 -10.64
N MET B 175 -7.81 -3.74 -10.18
CA MET B 175 -6.52 -3.26 -10.69
C MET B 175 -6.22 -3.93 -12.02
N VAL B 176 -5.93 -3.15 -13.06
CA VAL B 176 -5.69 -3.70 -14.40
C VAL B 176 -4.20 -3.84 -14.69
N ALA B 177 -3.69 -5.05 -14.48
CA ALA B 177 -2.26 -5.40 -14.58
C ALA B 177 -1.50 -4.81 -15.76
N ASP B 178 -2.05 -4.99 -16.96
CA ASP B 178 -1.38 -4.53 -18.16
C ASP B 178 -1.83 -3.12 -18.61
N ALA B 179 -2.61 -2.47 -17.77
CA ALA B 179 -3.03 -1.08 -17.99
C ALA B 179 -2.44 -0.13 -16.94
N LEU B 180 -1.40 -0.60 -16.25
CA LEU B 180 -0.64 0.19 -15.28
C LEU B 180 0.82 0.25 -15.73
N ALA B 181 1.53 1.28 -15.26
CA ALA B 181 2.98 1.30 -15.32
C ALA B 181 3.51 1.84 -13.99
N ASP B 182 4.79 1.62 -13.73
CA ASP B 182 5.38 1.95 -12.42
C ASP B 182 6.84 2.33 -12.61
N PHE B 183 7.51 2.72 -11.52
CA PHE B 183 8.94 3.11 -11.53
C PHE B 183 9.85 1.95 -11.98
N SER B 184 9.42 0.73 -11.66
CA SER B 184 10.15 -0.48 -11.88
C SER B 184 9.16 -1.62 -11.94
N ARG B 185 9.59 -2.73 -12.53
CA ARG B 185 8.79 -3.94 -12.62
C ARG B 185 8.50 -4.55 -11.24
N ASP B 186 9.47 -4.51 -10.32
CA ASP B 186 9.28 -5.07 -8.97
C ASP B 186 8.17 -4.34 -8.22
N GLU B 187 8.19 -3.02 -8.29
CA GLU B 187 7.17 -2.19 -7.63
C GLU B 187 5.79 -2.37 -8.29
N HIS B 188 5.77 -2.49 -9.62
CA HIS B 188 4.57 -2.88 -10.36
C HIS B 188 4.02 -4.23 -9.87
N LEU B 189 4.86 -5.25 -9.85
CA LEU B 189 4.42 -6.57 -9.43
C LEU B 189 4.02 -6.64 -7.96
N MET B 190 4.73 -5.93 -7.10
CA MET B 190 4.38 -5.87 -5.68
C MET B 190 2.98 -5.31 -5.47
N SER B 191 2.65 -4.23 -6.20
CA SER B 191 1.32 -3.63 -6.14
C SER B 191 0.21 -4.63 -6.53
N LEU B 192 0.50 -5.53 -7.46
CA LEU B 192 -0.47 -6.59 -7.82
C LEU B 192 -0.69 -7.57 -6.65
N LYS B 193 0.40 -8.03 -6.05
CA LYS B 193 0.36 -8.89 -4.87
C LYS B 193 -0.37 -8.24 -3.68
N TYR B 194 -0.10 -6.96 -3.49
CA TYR B 194 -0.74 -6.19 -2.44
C TYR B 194 -2.26 -6.13 -2.61
N VAL B 195 -2.73 -5.62 -3.75
CA VAL B 195 -4.16 -5.60 -4.01
C VAL B 195 -4.78 -7.03 -3.90
N ALA B 196 -4.13 -8.01 -4.52
CA ALA B 196 -4.62 -9.39 -4.57
C ALA B 196 -4.90 -10.03 -3.19
N GLY B 197 -4.06 -9.72 -2.21
CA GLY B 197 -4.22 -10.22 -0.88
C GLY B 197 -4.78 -9.25 0.14
N ARG B 198 -4.92 -7.97 -0.22
CA ARG B 198 -5.26 -6.92 0.75
C ARG B 198 -6.49 -6.05 0.43
N SER B 199 -6.81 -5.87 -0.83
CA SER B 199 -7.77 -4.80 -1.18
C SER B 199 -8.70 -5.03 -2.38
N GLY B 200 -8.38 -5.96 -3.27
CA GLY B 200 -9.30 -6.18 -4.39
C GLY B 200 -8.94 -7.19 -5.46
N ARG B 201 -9.54 -7.02 -6.63
CA ARG B 201 -9.27 -7.88 -7.79
C ARG B 201 -8.13 -7.33 -8.65
N VAL B 202 -7.28 -8.22 -9.16
CA VAL B 202 -6.28 -7.87 -10.14
C VAL B 202 -6.61 -8.66 -11.40
N VAL B 203 -6.71 -7.95 -12.53
CA VAL B 203 -7.14 -8.55 -13.80
C VAL B 203 -6.30 -8.04 -14.98
N MET B 204 -6.39 -8.75 -16.10
CA MET B 204 -5.83 -8.33 -17.38
C MET B 204 -6.88 -7.55 -18.15
N THR B 205 -6.44 -6.55 -18.92
CA THR B 205 -7.31 -5.81 -19.84
C THR B 205 -8.36 -6.73 -20.52
N GLU B 206 -7.89 -7.81 -21.16
CA GLU B 206 -8.75 -8.75 -21.89
C GLU B 206 -9.90 -9.36 -21.08
N GLU B 207 -9.73 -9.47 -19.76
CA GLU B 207 -10.76 -10.08 -18.92
C GLU B 207 -11.97 -9.16 -18.72
N LEU B 208 -11.78 -7.87 -18.94
CA LEU B 208 -12.86 -6.91 -18.72
C LEU B 208 -13.61 -6.61 -20.00
N LEU B 209 -12.92 -6.79 -21.13
CA LEU B 209 -13.48 -6.57 -22.46
C LEU B 209 -14.28 -7.80 -22.91
N PRO B 210 -15.32 -7.58 -23.74
CA PRO B 210 -16.10 -8.70 -24.29
C PRO B 210 -15.21 -9.77 -24.96
N ALA B 211 -15.63 -11.03 -24.86
CA ALA B 211 -14.92 -12.15 -25.48
C ALA B 211 -14.54 -11.82 -26.91
N PRO B 212 -13.26 -12.06 -27.27
CA PRO B 212 -12.75 -11.83 -28.63
C PRO B 212 -13.21 -12.92 -29.60
N ILE B 213 -13.06 -12.63 -30.90
CA ILE B 213 -13.27 -13.60 -31.98
C ILE B 213 -12.66 -14.97 -31.61
N PRO B 214 -13.45 -16.06 -31.77
CA PRO B 214 -13.04 -17.43 -31.43
C PRO B 214 -11.58 -17.72 -31.78
N ALA B 215 -10.77 -17.86 -30.61
CA ALA B 215 -9.32 -17.95 -30.69
C ALA B 215 -8.83 -19.24 -31.36
N SER B 216 -9.73 -20.21 -31.46
CA SER B 216 -9.44 -21.54 -32.00
C SER B 216 -10.67 -22.00 -32.78
N LYS B 217 -10.51 -23.05 -33.59
CA LYS B 217 -11.62 -23.68 -34.31
C LYS B 217 -12.46 -24.49 -33.33
N ALA B 218 -11.81 -24.98 -32.27
CA ALA B 218 -12.46 -25.67 -31.17
C ALA B 218 -13.33 -24.69 -30.40
N ALA B 219 -12.82 -23.46 -30.21
CA ALA B 219 -13.59 -22.36 -29.62
C ALA B 219 -14.79 -21.97 -30.50
N LEU B 220 -14.59 -21.94 -31.81
CA LEU B 220 -15.68 -21.73 -32.77
C LEU B 220 -16.75 -22.82 -32.69
N ARG B 221 -16.34 -24.08 -32.74
CA ARG B 221 -17.27 -25.22 -32.60
C ARG B 221 -18.09 -25.16 -31.30
N GLU B 222 -17.49 -24.69 -30.21
CA GLU B 222 -18.18 -24.58 -28.93
C GLU B 222 -19.24 -23.47 -28.94
N VAL B 223 -18.96 -22.40 -29.69
CA VAL B 223 -19.94 -21.33 -29.91
C VAL B 223 -21.16 -21.90 -30.64
N ILE B 224 -20.91 -22.80 -31.59
CA ILE B 224 -21.94 -23.23 -32.54
C ILE B 224 -22.80 -24.41 -32.09
N LEU B 225 -22.18 -25.43 -31.49
CA LEU B 225 -22.92 -26.64 -31.13
C LEU B 225 -24.27 -26.43 -30.41
N PRO B 226 -24.33 -25.56 -29.37
CA PRO B 226 -25.63 -25.28 -28.71
C PRO B 226 -26.71 -24.64 -29.59
N LEU B 227 -26.31 -24.15 -30.77
CA LEU B 227 -27.26 -23.57 -31.72
C LEU B 227 -27.87 -24.62 -32.66
N LEU B 228 -27.43 -25.87 -32.51
CA LEU B 228 -27.85 -26.98 -33.36
C LEU B 228 -28.88 -27.88 -32.68
N ASP B 229 -29.73 -28.52 -33.48
CA ASP B 229 -30.83 -29.35 -32.96
C ASP B 229 -30.50 -30.83 -33.09
N GLU B 230 -29.75 -31.18 -34.13
CA GLU B 230 -29.40 -32.58 -34.41
C GLU B 230 -28.75 -33.28 -33.24
N SER B 231 -29.29 -34.45 -32.91
CA SER B 231 -28.74 -35.34 -31.90
C SER B 231 -27.21 -35.42 -31.99
N ASP B 232 -26.69 -35.56 -33.22
CA ASP B 232 -25.25 -35.77 -33.44
C ASP B 232 -24.45 -34.53 -33.83
N GLU B 233 -23.16 -34.58 -33.55
CA GLU B 233 -22.23 -33.48 -33.78
C GLU B 233 -21.78 -33.44 -35.24
N PRO B 234 -21.73 -32.23 -35.86
CA PRO B 234 -21.31 -32.19 -37.26
C PRO B 234 -19.79 -32.37 -37.42
N PHE B 235 -19.36 -32.78 -38.61
CA PHE B 235 -17.98 -32.62 -39.00
C PHE B 235 -17.75 -31.14 -39.28
N ASP B 236 -16.49 -30.72 -39.33
CA ASP B 236 -16.19 -29.33 -39.68
C ASP B 236 -16.61 -28.94 -41.12
N ASP B 237 -16.87 -29.93 -41.98
CA ASP B 237 -17.28 -29.68 -43.37
C ASP B 237 -18.75 -29.93 -43.65
N ASP B 238 -19.51 -30.24 -42.59
CA ASP B 238 -20.94 -30.48 -42.71
C ASP B 238 -21.67 -29.15 -42.81
N ASN B 239 -22.71 -29.14 -43.63
CA ASN B 239 -23.62 -28.04 -43.72
C ASN B 239 -24.37 -27.87 -42.39
N LEU B 240 -24.20 -26.70 -41.78
CA LEU B 240 -24.67 -26.46 -40.40
C LEU B 240 -26.16 -26.22 -40.33
N ILE B 241 -26.76 -25.89 -41.47
CA ILE B 241 -28.21 -25.67 -41.58
C ILE B 241 -28.97 -27.02 -41.64
N ASP B 242 -28.35 -28.00 -42.29
CA ASP B 242 -28.71 -29.43 -42.21
C ASP B 242 -28.79 -29.93 -40.77
N TYR B 243 -28.02 -29.29 -39.87
CA TYR B 243 -27.88 -29.72 -38.48
C TYR B 243 -28.81 -29.01 -37.51
N GLY B 244 -29.60 -28.10 -38.05
CA GLY B 244 -30.63 -27.42 -37.29
C GLY B 244 -30.34 -25.96 -37.02
N LEU B 245 -29.25 -25.44 -37.58
CA LEU B 245 -28.96 -24.02 -37.42
C LEU B 245 -30.01 -23.22 -38.16
N ASP B 246 -30.71 -22.39 -37.39
CA ASP B 246 -31.66 -21.44 -37.93
C ASP B 246 -30.84 -20.33 -38.55
N SER B 247 -31.03 -20.10 -39.85
CA SER B 247 -30.27 -19.12 -40.64
C SER B 247 -30.17 -17.70 -40.06
N VAL B 248 -31.24 -17.24 -39.41
CA VAL B 248 -31.27 -15.94 -38.76
C VAL B 248 -30.06 -15.71 -37.84
N ARG B 249 -29.61 -16.79 -37.18
CA ARG B 249 -28.44 -16.78 -36.28
C ARG B 249 -27.18 -16.22 -36.92
N MET B 250 -27.10 -16.30 -38.26
CA MET B 250 -25.91 -15.87 -39.00
C MET B 250 -25.76 -14.37 -39.01
N MET B 251 -26.88 -13.66 -38.79
CA MET B 251 -26.89 -12.21 -38.67
C MET B 251 -26.17 -11.74 -37.41
N ALA B 252 -26.52 -12.35 -36.28
CA ALA B 252 -25.86 -12.05 -35.01
C ALA B 252 -24.40 -12.50 -35.02
N LEU B 253 -24.08 -13.57 -35.76
CA LEU B 253 -22.70 -14.05 -35.90
C LEU B 253 -21.80 -13.15 -36.76
N ALA B 254 -22.31 -12.73 -37.92
CA ALA B 254 -21.57 -11.86 -38.84
C ALA B 254 -21.26 -10.49 -38.25
N ALA B 255 -22.24 -9.91 -37.55
CA ALA B 255 -22.11 -8.61 -36.87
C ALA B 255 -20.99 -8.58 -35.83
N ARG B 256 -20.89 -9.66 -35.05
CA ARG B 256 -19.82 -9.83 -34.06
C ARG B 256 -18.45 -10.02 -34.72
N TRP B 257 -18.40 -10.80 -35.80
CA TRP B 257 -17.16 -11.06 -36.53
C TRP B 257 -16.72 -9.90 -37.45
N ARG B 258 -17.67 -9.00 -37.76
CA ARG B 258 -17.41 -7.80 -38.59
C ARG B 258 -16.60 -6.74 -37.85
N LYS B 259 -16.43 -6.96 -36.54
CA LYS B 259 -15.65 -6.07 -35.68
C LYS B 259 -14.15 -6.27 -35.87
N VAL B 260 -13.78 -7.48 -36.30
CA VAL B 260 -12.40 -7.82 -36.62
C VAL B 260 -12.19 -7.82 -38.14
N HIS B 261 -13.00 -8.59 -38.87
CA HIS B 261 -12.93 -8.59 -40.33
C HIS B 261 -14.17 -7.91 -40.94
N GLY B 262 -13.98 -6.68 -41.41
CA GLY B 262 -15.08 -5.83 -41.87
C GLY B 262 -15.92 -6.35 -43.02
N ASP B 263 -15.38 -7.30 -43.78
CA ASP B 263 -16.05 -7.79 -44.99
C ASP B 263 -17.09 -8.90 -44.73
N ILE B 264 -16.99 -9.54 -43.57
CA ILE B 264 -17.88 -10.64 -43.19
C ILE B 264 -19.32 -10.15 -43.01
N ASP B 265 -20.18 -10.52 -43.95
CA ASP B 265 -21.62 -10.27 -43.85
C ASP B 265 -22.43 -11.56 -43.97
N PHE B 266 -23.76 -11.44 -43.95
CA PHE B 266 -24.65 -12.60 -44.03
C PHE B 266 -24.39 -13.44 -45.28
N VAL B 267 -24.20 -12.77 -46.41
CA VAL B 267 -23.93 -13.45 -47.69
C VAL B 267 -22.68 -14.33 -47.63
N MET B 268 -21.59 -13.78 -47.10
CA MET B 268 -20.31 -14.47 -47.03
C MET B 268 -20.34 -15.75 -46.19
N LEU B 269 -21.09 -15.72 -45.09
CA LEU B 269 -21.25 -16.89 -44.23
C LEU B 269 -22.24 -17.89 -44.83
N ALA B 270 -23.41 -17.40 -45.24
CA ALA B 270 -24.52 -18.24 -45.74
C ALA B 270 -24.18 -19.07 -46.99
N LYS B 271 -23.38 -18.51 -47.88
CA LYS B 271 -22.95 -19.18 -49.11
C LYS B 271 -22.19 -20.48 -48.83
N ASN B 272 -21.61 -20.58 -47.63
CA ASN B 272 -20.89 -21.77 -47.22
C ASN B 272 -20.94 -21.92 -45.71
N PRO B 273 -22.07 -22.43 -45.19
CA PRO B 273 -22.30 -22.48 -43.75
C PRO B 273 -21.63 -23.68 -43.05
N THR B 274 -20.30 -23.67 -42.96
CA THR B 274 -19.56 -24.76 -42.29
C THR B 274 -18.52 -24.22 -41.32
N ILE B 275 -18.13 -25.06 -40.35
CA ILE B 275 -17.13 -24.68 -39.34
C ILE B 275 -15.76 -24.49 -39.99
N ASP B 276 -15.41 -25.37 -40.91
CA ASP B 276 -14.17 -25.25 -41.72
C ASP B 276 -14.07 -23.89 -42.42
N ALA B 277 -15.11 -23.53 -43.16
CA ALA B 277 -15.10 -22.34 -44.03
C ALA B 277 -15.09 -21.02 -43.26
N TRP B 278 -15.83 -21.00 -42.14
CA TRP B 278 -15.94 -19.83 -41.28
C TRP B 278 -14.67 -19.57 -40.53
N TRP B 279 -14.00 -20.66 -40.13
CA TRP B 279 -12.72 -20.55 -39.45
C TRP B 279 -11.66 -20.01 -40.39
N LYS B 280 -11.69 -20.44 -41.66
CA LYS B 280 -10.82 -19.86 -42.70
C LYS B 280 -11.03 -18.35 -42.82
N LEU B 281 -12.27 -17.89 -42.69
CA LEU B 281 -12.56 -16.45 -42.71
C LEU B 281 -11.97 -15.75 -41.48
N LEU B 282 -12.22 -16.28 -40.30
CA LEU B 282 -11.67 -15.74 -39.04
C LEU B 282 -10.14 -15.88 -38.91
N SER B 283 -9.54 -16.71 -39.75
CA SER B 283 -8.09 -16.95 -39.76
C SER B 283 -7.42 -16.35 -40.99
N ARG B 284 -7.37 -15.02 -41.07
CA ARG B 284 -6.68 -14.33 -42.16
C ARG B 284 -6.36 -12.89 -41.76
MG MG C . 1.81 -8.78 0.55
MG MG D . -5.80 -9.65 29.39
MG MG E . 39.82 -2.37 21.97
MG MG F . 35.96 18.08 34.90
MG MG G . 6.31 14.48 33.27
CL CL H . -3.31 -4.55 10.03
C1 EDO I . -1.80 1.54 0.46
O1 EDO I . -2.02 0.96 1.75
C2 EDO I . -0.68 2.58 0.58
O2 EDO I . -0.25 2.97 -0.72
MG MG J . -23.82 2.86 -26.25
MG MG K . -1.32 17.63 -26.05
MG MG L . 7.28 -14.56 -18.46
CL CL M . 1.32 8.19 -8.28
#